data_5M57
#
_entry.id   5M57
#
_cell.length_a   56.733
_cell.length_b   73.595
_cell.length_c   75.393
_cell.angle_alpha   90.00
_cell.angle_beta   90.00
_cell.angle_gamma   90.00
#
_symmetry.space_group_name_H-M   'P 21 21 21'
#
loop_
_entity.id
_entity.type
_entity.pdbx_description
1 polymer 'Serine/threonine-protein kinase Nek2'
2 non-polymer "O6-CYCLOHEXYLMETHOXY-2-(4'-SULPHAMOYLANILINO) PURINE"
3 water water
#
_entity_poly.entity_id   1
_entity_poly.type   'polypeptide(L)'
_entity_poly.pdbx_seq_one_letter_code
;MPSRAEDYEVLYTIGTGSYGRCQKIRRKSDGKILVWKELDYGSMTEAEKQMLVSEVNLLRELKHPNIVRYYDRIIDRTNT
TLYIVMEYCEGGDLASVITKGTKERQYLDEEFVLRVMTQLTLALKECHRRSDGGHTVLHRDLKPANVFLDGKQNVKLGDF
GLARILNHDTSFAKAFVGTPYYMSPEQMNRMSYNEKSDIWSLGCLLYELCALMPPFTAFSQKELAGKIREGKFRRIPYRY
SDELNEIITRMLNLKDYHRPSVEEILENPLILEHHHHHH
;
_entity_poly.pdbx_strand_id   A
#
loop_
_chem_comp.id
_chem_comp.type
_chem_comp.name
_chem_comp.formula
4SP non-polymer 'O6-CYCLOHEXYLMETHOXY-2-(4'-SULPHAMOYLANILINO) PURINE' 'C18 H22 N6 O3 S'
#
# COMPACT_ATOMS: atom_id res chain seq x y z
N SER A 3 -25.40 9.70 0.60
CA SER A 3 -25.24 10.85 -0.29
C SER A 3 -24.90 12.13 0.51
N ARG A 4 -25.24 12.12 1.79
CA ARG A 4 -24.95 13.28 2.65
C ARG A 4 -24.31 12.84 3.97
N ALA A 5 -23.64 13.79 4.62
CA ALA A 5 -22.99 13.54 5.91
C ALA A 5 -23.99 13.04 6.95
N GLU A 6 -25.25 13.48 6.82
CA GLU A 6 -26.28 13.13 7.77
C GLU A 6 -26.57 11.62 7.77
N ASP A 7 -26.25 10.94 6.66
CA ASP A 7 -26.52 9.52 6.52
C ASP A 7 -25.55 8.68 7.34
N TYR A 8 -24.52 9.35 7.86
CA TYR A 8 -23.45 8.72 8.61
C TYR A 8 -23.23 9.42 9.93
N GLU A 9 -22.79 8.65 10.93
CA GLU A 9 -22.45 9.20 12.22
C GLU A 9 -20.96 8.95 12.52
N VAL A 10 -20.18 10.03 12.61
CA VAL A 10 -18.78 9.94 12.99
C VAL A 10 -18.69 9.23 14.32
N LEU A 11 -17.82 8.23 14.43
CA LEU A 11 -17.60 7.54 15.70
C LEU A 11 -16.50 8.24 16.44
N TYR A 12 -15.29 8.16 15.89
CA TYR A 12 -14.16 8.92 16.41
C TYR A 12 -13.16 9.16 15.28
N THR A 13 -12.04 9.76 15.60
CA THR A 13 -11.03 10.06 14.59
C THR A 13 -9.81 9.14 14.73
N ILE A 14 -9.45 8.47 13.64
CA ILE A 14 -8.24 7.66 13.58
C ILE A 14 -7.07 8.60 13.34
N GLY A 15 -6.27 8.36 12.31
CA GLY A 15 -5.12 9.20 12.02
C GLY A 15 -5.35 10.20 10.91
N THR A 16 -4.40 11.12 10.74
CA THR A 16 -4.46 12.10 9.68
C THR A 16 -3.34 11.87 8.69
N GLY A 17 -3.69 11.44 7.49
CA GLY A 17 -2.66 11.16 6.49
C GLY A 17 -2.51 12.27 5.46
N SER A 18 -2.19 11.86 4.24
CA SER A 18 -1.87 12.78 3.14
C SER A 18 -3.06 13.67 2.73
N TYR A 19 -4.01 13.06 2.01
CA TYR A 19 -5.27 13.69 1.60
C TYR A 19 -6.00 14.49 2.69
N GLY A 20 -5.77 14.14 3.95
CA GLY A 20 -6.46 14.77 5.06
C GLY A 20 -6.79 13.79 6.17
N ARG A 21 -7.85 14.11 6.90
CA ARG A 21 -8.24 13.34 8.09
C ARG A 21 -8.94 12.05 7.69
N CYS A 22 -8.88 11.04 8.56
CA CYS A 22 -9.47 9.73 8.33
C CYS A 22 -10.18 9.26 9.60
N GLN A 23 -11.50 9.06 9.53
CA GLN A 23 -12.27 8.76 10.74
C GLN A 23 -13.08 7.48 10.61
N LYS A 24 -13.24 6.73 11.70
CA LYS A 24 -14.12 5.57 11.69
C LYS A 24 -15.57 6.04 11.78
N ILE A 25 -16.50 5.33 11.17
CA ILE A 25 -17.90 5.76 11.13
C ILE A 25 -18.91 4.59 11.13
N ARG A 26 -20.14 4.89 11.59
CA ARG A 26 -21.24 3.93 11.47
C ARG A 26 -22.25 4.43 10.43
N ARG A 27 -22.60 3.58 9.47
CA ARG A 27 -23.63 3.90 8.50
C ARG A 27 -24.98 3.87 9.21
N LYS A 28 -25.74 4.96 9.10
CA LYS A 28 -27.00 5.11 9.84
C LYS A 28 -27.98 3.98 9.55
N SER A 29 -28.10 3.64 8.28
CA SER A 29 -29.13 2.71 7.81
C SER A 29 -29.02 1.26 8.30
N ASP A 30 -27.80 0.71 8.42
CA ASP A 30 -27.69 -0.67 8.89
C ASP A 30 -26.63 -0.87 9.98
N GLY A 31 -25.80 0.14 10.23
CA GLY A 31 -24.86 0.05 11.33
C GLY A 31 -23.47 -0.45 11.00
N LYS A 32 -23.22 -0.67 9.70
CA LYS A 32 -21.89 -1.06 9.23
C LYS A 32 -20.84 -0.06 9.67
N ILE A 33 -19.76 -0.60 10.21
CA ILE A 33 -18.58 0.18 10.54
C ILE A 33 -17.72 0.38 9.30
N LEU A 34 -17.29 1.62 9.08
CA LEU A 34 -16.53 2.02 7.90
C LEU A 34 -15.59 3.17 8.29
N VAL A 35 -14.81 3.66 7.34
CA VAL A 35 -14.11 4.93 7.54
C VAL A 35 -14.38 5.81 6.36
N TRP A 36 -14.06 7.09 6.49
CA TRP A 36 -13.94 7.91 5.30
C TRP A 36 -12.77 8.88 5.38
N LYS A 37 -12.45 9.50 4.25
CA LYS A 37 -11.30 10.38 4.12
C LYS A 37 -11.69 11.77 3.60
N GLU A 38 -11.31 12.81 4.34
CA GLU A 38 -11.63 14.20 3.94
C GLU A 38 -10.70 14.73 2.89
N LEU A 39 -11.26 15.29 1.83
CA LEU A 39 -10.47 16.22 1.04
C LEU A 39 -11.20 17.55 0.97
N ASP A 40 -10.66 18.49 1.73
CA ASP A 40 -10.98 19.91 1.60
C ASP A 40 -10.68 20.33 0.18
N TYR A 41 -11.71 20.66 -0.60
CA TYR A 41 -11.47 21.11 -1.97
C TYR A 41 -11.57 22.63 -2.05
N GLY A 42 -11.75 23.25 -0.89
CA GLY A 42 -12.04 24.67 -0.78
C GLY A 42 -11.05 25.66 -1.35
N SER A 43 -9.83 25.22 -1.64
CA SER A 43 -8.83 26.12 -2.19
C SER A 43 -8.49 25.73 -3.62
N MET A 44 -9.08 24.65 -4.11
CA MET A 44 -8.82 24.20 -5.46
C MET A 44 -9.56 25.06 -6.47
N THR A 45 -9.05 25.09 -7.70
CA THR A 45 -9.71 25.81 -8.77
C THR A 45 -10.91 25.02 -9.31
N GLU A 46 -11.18 25.13 -10.60
CA GLU A 46 -12.22 24.29 -11.20
C GLU A 46 -11.58 23.40 -12.27
N ALA A 47 -10.24 23.45 -12.33
CA ALA A 47 -9.46 22.58 -13.21
C ALA A 47 -8.38 21.86 -12.39
N GLU A 48 -8.19 22.30 -11.16
CA GLU A 48 -7.49 21.50 -10.15
C GLU A 48 -8.43 20.42 -9.67
N LYS A 49 -9.71 20.78 -9.62
CA LYS A 49 -10.76 19.87 -9.22
C LYS A 49 -10.91 18.78 -10.28
N GLN A 50 -11.06 19.19 -11.54
CA GLN A 50 -11.18 18.25 -12.66
C GLN A 50 -10.08 17.18 -12.66
N MET A 51 -8.91 17.53 -12.13
CA MET A 51 -7.84 16.56 -11.96
C MET A 51 -8.27 15.47 -10.98
N LEU A 52 -8.78 15.90 -9.83
CA LEU A 52 -9.17 14.97 -8.77
C LEU A 52 -10.29 14.02 -9.19
N VAL A 53 -11.30 14.55 -9.87
CA VAL A 53 -12.52 13.79 -10.12
C VAL A 53 -12.32 12.62 -11.05
N SER A 54 -11.34 12.73 -11.94
CA SER A 54 -11.06 11.64 -12.87
C SER A 54 -10.28 10.54 -12.16
N GLU A 55 -9.37 10.98 -11.29
CA GLU A 55 -8.61 10.06 -10.46
C GLU A 55 -9.55 9.30 -9.53
N VAL A 56 -10.39 10.05 -8.81
CA VAL A 56 -11.37 9.47 -7.90
C VAL A 56 -12.25 8.41 -8.57
N ASN A 57 -12.61 8.63 -9.84
CA ASN A 57 -13.45 7.68 -10.57
C ASN A 57 -12.68 6.45 -11.01
N LEU A 58 -11.47 6.67 -11.50
CA LEU A 58 -10.56 5.60 -11.86
C LEU A 58 -10.37 4.58 -10.73
N LEU A 59 -10.10 5.08 -9.53
CA LEU A 59 -9.85 4.23 -8.38
C LEU A 59 -11.14 3.63 -7.82
N ARG A 60 -12.25 4.26 -8.15
CA ARG A 60 -13.55 3.82 -7.67
C ARG A 60 -13.97 2.50 -8.33
N GLU A 61 -13.47 2.26 -9.53
CA GLU A 61 -13.82 1.07 -10.29
C GLU A 61 -12.97 -0.13 -9.86
N LEU A 62 -11.83 0.17 -9.21
CA LEU A 62 -10.94 -0.85 -8.68
C LEU A 62 -11.60 -1.68 -7.59
N LYS A 63 -11.81 -2.95 -7.88
CA LYS A 63 -12.48 -3.85 -6.97
C LYS A 63 -11.67 -5.12 -6.81
N HIS A 64 -11.32 -5.45 -5.57
CA HIS A 64 -10.52 -6.64 -5.31
C HIS A 64 -10.56 -6.99 -3.84
N PRO A 65 -10.61 -8.27 -3.52
CA PRO A 65 -10.60 -8.67 -2.10
C PRO A 65 -9.33 -8.26 -1.35
N ASN A 66 -8.23 -7.96 -2.03
CA ASN A 66 -7.07 -7.40 -1.33
C ASN A 66 -6.85 -5.92 -1.64
N ILE A 67 -7.90 -5.25 -2.12
CA ILE A 67 -7.90 -3.80 -2.27
C ILE A 67 -8.98 -3.22 -1.34
N VAL A 68 -8.63 -2.20 -0.56
CA VAL A 68 -9.61 -1.53 0.30
C VAL A 68 -10.81 -1.12 -0.56
N ARG A 69 -12.00 -1.55 -0.15
CA ARG A 69 -13.22 -1.41 -0.94
C ARG A 69 -13.79 0.01 -0.91
N TYR A 70 -14.05 0.58 -2.09
CA TYR A 70 -14.74 1.86 -2.19
C TYR A 70 -16.22 1.69 -1.86
N TYR A 71 -16.81 2.67 -1.19
CA TYR A 71 -18.22 2.61 -0.82
C TYR A 71 -19.02 3.81 -1.29
N ASP A 72 -18.59 5.01 -0.91
CA ASP A 72 -19.35 6.20 -1.29
C ASP A 72 -18.49 7.44 -1.39
N ARG A 73 -19.00 8.43 -2.10
CA ARG A 73 -18.44 9.77 -2.10
C ARG A 73 -19.50 10.73 -1.60
N ILE A 74 -19.05 11.82 -1.00
CA ILE A 74 -19.98 12.77 -0.40
C ILE A 74 -19.41 14.17 -0.56
N ILE A 75 -20.22 15.07 -1.08
CA ILE A 75 -19.84 16.47 -1.12
C ILE A 75 -20.56 17.25 -0.01
N ASP A 76 -19.83 18.19 0.60
CA ASP A 76 -20.39 19.04 1.65
C ASP A 76 -19.93 20.46 1.41
N ARG A 77 -20.78 21.25 0.75
CA ARG A 77 -20.47 22.63 0.41
C ARG A 77 -20.13 23.41 1.65
N THR A 78 -20.89 23.19 2.72
CA THR A 78 -20.67 23.89 3.98
C THR A 78 -19.22 23.76 4.43
N ASN A 79 -18.75 22.53 4.59
CA ASN A 79 -17.40 22.27 5.07
C ASN A 79 -16.40 22.25 3.94
N THR A 80 -16.87 22.55 2.73
CA THR A 80 -16.10 22.46 1.48
C THR A 80 -15.20 21.21 1.48
N THR A 81 -15.84 20.08 1.74
CA THR A 81 -15.09 18.85 1.95
C THR A 81 -15.64 17.71 1.09
N LEU A 82 -14.74 16.97 0.47
CA LEU A 82 -15.12 15.74 -0.22
C LEU A 82 -14.85 14.51 0.65
N TYR A 83 -15.89 13.74 0.87
CA TYR A 83 -15.87 12.60 1.78
C TYR A 83 -15.86 11.30 1.00
N ILE A 84 -14.74 10.57 1.05
CA ILE A 84 -14.67 9.27 0.39
C ILE A 84 -14.78 8.17 1.42
N VAL A 85 -15.84 7.38 1.32
CA VAL A 85 -16.20 6.41 2.34
C VAL A 85 -15.71 5.03 1.94
N MET A 86 -15.02 4.36 2.85
CA MET A 86 -14.42 3.08 2.51
C MET A 86 -14.44 2.08 3.65
N GLU A 87 -14.31 0.82 3.26
CA GLU A 87 -14.15 -0.31 4.16
C GLU A 87 -13.21 0.01 5.33
N TYR A 88 -13.62 -0.38 6.53
CA TYR A 88 -12.80 -0.19 7.72
C TYR A 88 -11.93 -1.41 7.90
N CYS A 89 -10.64 -1.21 8.15
CA CYS A 89 -9.74 -2.36 8.21
C CYS A 89 -9.35 -2.60 9.66
N GLU A 90 -9.94 -3.66 10.19
CA GLU A 90 -9.96 -3.93 11.62
C GLU A 90 -8.59 -4.24 12.22
N GLY A 91 -7.75 -4.95 11.46
CA GLY A 91 -6.45 -5.35 11.96
C GLY A 91 -5.34 -4.32 11.87
N GLY A 92 -5.69 -3.07 11.56
CA GLY A 92 -4.68 -2.02 11.52
C GLY A 92 -3.76 -2.10 10.30
N ASP A 93 -2.57 -1.53 10.41
CA ASP A 93 -1.64 -1.56 9.27
C ASP A 93 -0.38 -2.38 9.54
N LEU A 94 0.39 -2.66 8.48
CA LEU A 94 1.63 -3.45 8.59
C LEU A 94 2.74 -2.73 9.32
N ALA A 95 2.68 -1.39 9.37
CA ALA A 95 3.72 -0.61 10.03
C ALA A 95 3.68 -0.93 11.51
N SER A 96 2.46 -1.05 12.04
CA SER A 96 2.25 -1.47 13.42
C SER A 96 2.75 -2.89 13.65
N VAL A 97 2.48 -3.78 12.69
CA VAL A 97 2.98 -5.14 12.76
C VAL A 97 4.51 -5.13 12.82
N ILE A 98 5.16 -4.25 12.06
CA ILE A 98 6.62 -4.21 12.03
C ILE A 98 7.18 -3.67 13.36
N THR A 99 6.59 -2.57 13.82
CA THR A 99 6.87 -1.98 15.15
C THR A 99 6.74 -3.01 16.27
N LYS A 100 5.67 -3.80 16.21
CA LYS A 100 5.42 -4.80 17.22
C LYS A 100 6.52 -5.85 17.21
N GLY A 101 6.97 -6.24 16.02
CA GLY A 101 8.04 -7.22 15.90
C GLY A 101 9.30 -6.67 16.52
N THR A 102 9.52 -5.38 16.33
CA THR A 102 10.71 -4.75 16.86
C THR A 102 10.66 -4.73 18.38
N LYS A 103 9.53 -4.29 18.92
CA LYS A 103 9.38 -4.21 20.37
C LYS A 103 9.56 -5.59 21.00
N GLU A 104 8.85 -6.56 20.46
CA GLU A 104 8.89 -7.91 21.04
C GLU A 104 10.19 -8.65 20.76
N ARG A 105 10.99 -8.12 19.84
CA ARG A 105 12.19 -8.79 19.34
C ARG A 105 11.83 -10.17 18.78
N GLN A 106 10.84 -10.21 17.91
CA GLN A 106 10.38 -11.45 17.30
C GLN A 106 10.11 -11.30 15.81
N TYR A 107 10.91 -11.98 14.99
CA TYR A 107 10.71 -11.99 13.55
C TYR A 107 9.34 -12.57 13.21
N LEU A 108 8.77 -12.15 12.07
CA LEU A 108 7.48 -12.71 11.60
C LEU A 108 7.68 -14.05 10.92
N ASP A 109 6.72 -14.96 11.04
CA ASP A 109 6.79 -16.25 10.36
C ASP A 109 6.90 -16.05 8.86
N GLU A 110 7.79 -16.82 8.23
CA GLU A 110 7.84 -16.89 6.77
C GLU A 110 6.46 -17.10 6.12
N GLU A 111 5.55 -17.83 6.79
CA GLU A 111 4.20 -18.01 6.25
C GLU A 111 3.44 -16.70 6.18
N PHE A 112 3.63 -15.84 7.18
CA PHE A 112 2.91 -14.59 7.16
C PHE A 112 3.47 -13.67 6.07
N VAL A 113 4.79 -13.66 5.93
CA VAL A 113 5.41 -12.91 4.83
C VAL A 113 4.93 -13.46 3.45
N LEU A 114 4.74 -14.76 3.33
CA LEU A 114 4.30 -15.31 2.03
C LEU A 114 2.85 -14.90 1.69
N ARG A 115 1.96 -14.81 2.70
CA ARG A 115 0.58 -14.31 2.49
C ARG A 115 0.60 -12.87 2.02
N VAL A 116 1.34 -12.01 2.75
CA VAL A 116 1.46 -10.59 2.39
C VAL A 116 1.98 -10.40 0.98
N MET A 117 3.06 -11.10 0.63
CA MET A 117 3.61 -11.02 -0.72
C MET A 117 2.60 -11.45 -1.76
N THR A 118 1.97 -12.61 -1.54
CA THR A 118 0.98 -13.16 -2.45
C THR A 118 -0.18 -12.14 -2.64
N GLN A 119 -0.80 -11.70 -1.55
CA GLN A 119 -1.99 -10.82 -1.62
C GLN A 119 -1.71 -9.37 -2.10
N LEU A 120 -0.59 -8.79 -1.73
CA LEU A 120 -0.22 -7.50 -2.35
C LEU A 120 0.08 -7.65 -3.83
N THR A 121 0.57 -8.81 -4.22
CA THR A 121 0.89 -9.02 -5.61
C THR A 121 -0.40 -9.19 -6.42
N LEU A 122 -1.38 -9.89 -5.87
CA LEU A 122 -2.69 -10.00 -6.52
C LEU A 122 -3.31 -8.61 -6.66
N ALA A 123 -3.22 -7.82 -5.60
CA ALA A 123 -3.74 -6.45 -5.56
C ALA A 123 -3.10 -5.61 -6.67
N LEU A 124 -1.79 -5.61 -6.71
CA LEU A 124 -1.06 -4.83 -7.71
C LEU A 124 -1.37 -5.35 -9.11
N LYS A 125 -1.55 -6.67 -9.23
CA LYS A 125 -1.91 -7.25 -10.52
C LYS A 125 -3.26 -6.69 -11.03
N GLU A 126 -4.22 -6.55 -10.13
CA GLU A 126 -5.51 -5.96 -10.50
C GLU A 126 -5.34 -4.49 -10.90
N CYS A 127 -4.34 -3.80 -10.33
CA CYS A 127 -4.07 -2.44 -10.75
C CYS A 127 -3.36 -2.42 -12.09
N HIS A 128 -2.34 -3.25 -12.21
CA HIS A 128 -1.45 -3.22 -13.36
C HIS A 128 -2.05 -3.81 -14.64
N ARG A 129 -2.88 -4.84 -14.51
CA ARG A 129 -3.30 -5.55 -15.73
C ARG A 129 -4.63 -4.94 -16.30
N ARG A 130 -5.87 -5.31 -15.95
CA ARG A 130 -6.34 -6.44 -15.16
C ARG A 130 -7.81 -6.74 -15.47
N SER A 131 -8.14 -8.03 -15.57
CA SER A 131 -9.48 -8.49 -15.94
C SER A 131 -9.97 -7.77 -17.20
N ASP A 132 -10.92 -6.88 -16.98
CA ASP A 132 -11.69 -6.32 -18.08
C ASP A 132 -12.77 -5.39 -17.50
N GLY A 133 -12.43 -4.15 -17.18
CA GLY A 133 -11.06 -3.71 -17.30
C GLY A 133 -10.71 -2.64 -18.33
N GLY A 134 -10.07 -1.58 -17.85
CA GLY A 134 -9.43 -0.58 -18.69
C GLY A 134 -8.21 0.00 -17.98
N HIS A 135 -8.50 0.84 -16.98
CA HIS A 135 -7.55 1.41 -16.01
C HIS A 135 -6.05 1.52 -16.37
N THR A 136 -5.31 0.42 -16.20
CA THR A 136 -3.88 0.45 -15.81
C THR A 136 -3.63 1.55 -14.77
N VAL A 137 -3.51 1.11 -13.53
CA VAL A 137 -3.28 1.99 -12.39
C VAL A 137 -1.95 1.58 -11.72
N LEU A 138 -1.15 2.57 -11.35
CA LEU A 138 0.02 2.34 -10.50
C LEU A 138 -0.31 2.84 -9.11
N HIS A 139 0.07 2.09 -8.08
CA HIS A 139 -0.25 2.53 -6.74
C HIS A 139 0.52 3.79 -6.35
N ARG A 140 1.83 3.81 -6.64
CA ARG A 140 2.69 5.00 -6.48
C ARG A 140 3.04 5.37 -5.03
N ASP A 141 2.56 4.61 -4.05
CA ASP A 141 2.89 4.95 -2.66
C ASP A 141 2.82 3.70 -1.77
N LEU A 142 3.52 2.64 -2.18
CA LEU A 142 3.41 1.37 -1.48
C LEU A 142 4.40 1.31 -0.30
N LYS A 143 3.86 1.29 0.91
CA LYS A 143 4.66 1.29 2.13
C LYS A 143 3.79 0.73 3.25
N PRO A 144 4.39 0.32 4.39
CA PRO A 144 3.59 -0.45 5.35
C PRO A 144 2.37 0.30 5.89
N ALA A 145 2.44 1.64 5.96
CA ALA A 145 1.34 2.44 6.48
C ALA A 145 0.14 2.46 5.55
N ASN A 146 0.36 2.09 4.28
CA ASN A 146 -0.69 2.01 3.27
C ASN A 146 -1.19 0.60 3.02
N VAL A 147 -0.78 -0.33 3.88
CA VAL A 147 -1.23 -1.71 3.75
C VAL A 147 -1.93 -2.13 5.02
N PHE A 148 -3.20 -2.46 4.92
CA PHE A 148 -4.01 -2.74 6.10
C PHE A 148 -4.42 -4.19 6.17
N LEU A 149 -4.89 -4.58 7.34
CA LEU A 149 -5.28 -5.95 7.61
C LEU A 149 -6.72 -6.02 8.10
N ASP A 150 -7.45 -7.06 7.72
CA ASP A 150 -8.79 -7.22 8.28
C ASP A 150 -8.69 -8.07 9.54
N GLY A 151 -9.82 -8.61 9.99
CA GLY A 151 -9.88 -9.32 11.26
C GLY A 151 -9.10 -10.63 11.26
N LYS A 152 -9.03 -11.29 10.10
CA LYS A 152 -8.21 -12.49 9.95
C LYS A 152 -6.84 -12.12 9.42
N GLN A 153 -6.46 -10.85 9.57
CA GLN A 153 -5.17 -10.35 9.11
C GLN A 153 -4.91 -10.66 7.63
N ASN A 154 -5.94 -10.52 6.79
CA ASN A 154 -5.74 -10.52 5.34
C ASN A 154 -5.31 -9.14 4.90
N VAL A 155 -4.62 -9.06 3.77
CA VAL A 155 -4.07 -7.79 3.29
C VAL A 155 -5.08 -6.96 2.53
N LYS A 156 -5.17 -5.68 2.90
CA LYS A 156 -5.93 -4.73 2.09
C LYS A 156 -4.99 -3.60 1.67
N LEU A 157 -4.73 -3.51 0.36
CA LEU A 157 -3.94 -2.43 -0.18
C LEU A 157 -4.83 -1.19 -0.23
N GLY A 158 -4.36 -0.09 0.30
CA GLY A 158 -5.22 1.08 0.35
C GLY A 158 -4.47 2.31 -0.08
N ASP A 159 -5.13 3.45 0.03
CA ASP A 159 -4.49 4.76 -0.02
C ASP A 159 -3.59 4.96 -1.24
N PHE A 160 -4.22 5.11 -2.39
CA PHE A 160 -3.51 5.39 -3.62
C PHE A 160 -3.14 6.87 -3.69
N VAL A 177 8.92 16.23 5.16
CA VAL A 177 10.15 16.29 5.95
C VAL A 177 10.79 14.92 6.14
N GLY A 178 10.01 13.87 5.92
CA GLY A 178 10.46 12.52 6.17
C GLY A 178 11.35 11.99 5.06
N THR A 179 12.02 10.88 5.32
CA THR A 179 12.95 10.33 4.35
C THR A 179 12.31 9.22 3.53
N PRO A 180 12.63 9.20 2.23
CA PRO A 180 11.98 8.28 1.30
C PRO A 180 12.76 6.98 1.12
N TYR A 181 12.80 6.16 2.16
CA TYR A 181 13.49 4.87 2.12
C TYR A 181 13.20 4.06 0.86
N TYR A 182 11.95 4.08 0.40
CA TYR A 182 11.53 3.25 -0.73
C TYR A 182 11.63 3.98 -2.05
N MET A 183 12.51 4.98 -2.13
CA MET A 183 12.61 5.76 -3.37
C MET A 183 13.27 4.87 -4.42
N SER A 184 12.55 4.63 -5.51
CA SER A 184 13.07 3.75 -6.54
C SER A 184 14.24 4.41 -7.28
N PRO A 185 15.06 3.59 -7.95
CA PRO A 185 16.16 4.15 -8.74
C PRO A 185 15.72 4.94 -9.98
N GLU A 186 14.47 4.78 -10.42
CA GLU A 186 13.94 5.55 -11.55
C GLU A 186 13.70 7.00 -11.14
N GLN A 187 12.90 7.15 -10.09
CA GLN A 187 12.55 8.47 -9.56
C GLN A 187 13.80 9.24 -9.12
N MET A 188 14.84 8.49 -8.79
CA MET A 188 16.06 9.08 -8.28
C MET A 188 16.99 9.46 -9.41
N ASN A 189 16.69 8.98 -10.62
CA ASN A 189 17.48 9.33 -11.80
C ASN A 189 16.63 10.01 -12.87
N ARG A 190 15.64 10.77 -12.41
CA ARG A 190 14.65 11.43 -13.27
C ARG A 190 14.04 10.54 -14.35
N MET A 191 13.56 9.37 -13.96
CA MET A 191 12.83 8.52 -14.89
C MET A 191 11.43 8.33 -14.38
N SER A 192 10.48 8.15 -15.29
CA SER A 192 9.09 8.10 -14.89
C SER A 192 8.83 6.85 -14.06
N TYR A 193 7.99 7.01 -13.06
CA TYR A 193 7.49 5.90 -12.25
C TYR A 193 6.69 4.92 -13.12
N ASN A 194 7.11 3.66 -13.17
CA ASN A 194 6.41 2.64 -13.96
C ASN A 194 5.94 1.47 -13.09
N GLU A 195 5.41 0.42 -13.71
CA GLU A 195 4.95 -0.75 -12.96
C GLU A 195 6.08 -1.39 -12.14
N LYS A 196 7.27 -1.49 -12.71
CA LYS A 196 8.42 -2.06 -12.01
C LYS A 196 8.85 -1.20 -10.81
N SER A 197 8.39 0.05 -10.75
CA SER A 197 8.67 0.89 -9.58
C SER A 197 7.74 0.47 -8.42
N ASP A 198 6.56 -0.03 -8.75
CA ASP A 198 5.66 -0.58 -7.75
C ASP A 198 6.34 -1.83 -7.14
N ILE A 199 6.99 -2.61 -8.00
CA ILE A 199 7.62 -3.85 -7.61
C ILE A 199 8.82 -3.56 -6.68
N TRP A 200 9.59 -2.53 -6.99
CA TRP A 200 10.69 -2.11 -6.10
C TRP A 200 10.15 -1.76 -4.71
N SER A 201 9.07 -1.02 -4.66
CA SER A 201 8.41 -0.68 -3.40
C SER A 201 7.93 -1.90 -2.64
N LEU A 202 7.34 -2.85 -3.37
CA LEU A 202 6.94 -4.12 -2.73
C LEU A 202 8.17 -4.86 -2.20
N GLY A 203 9.28 -4.82 -2.94
CA GLY A 203 10.52 -5.43 -2.49
C GLY A 203 11.01 -4.82 -1.19
N CYS A 204 10.88 -3.50 -1.05
CA CYS A 204 11.31 -2.80 0.16
C CYS A 204 10.45 -3.20 1.34
N LEU A 205 9.14 -3.21 1.12
CA LEU A 205 8.16 -3.59 2.13
C LEU A 205 8.35 -5.04 2.62
N LEU A 206 8.54 -5.97 1.69
CA LEU A 206 8.69 -7.36 2.09
C LEU A 206 10.02 -7.53 2.83
N TYR A 207 11.03 -6.77 2.39
CA TYR A 207 12.35 -6.84 3.01
C TYR A 207 12.21 -6.35 4.44
N GLU A 208 11.60 -5.19 4.61
CA GLU A 208 11.41 -4.63 5.95
C GLU A 208 10.53 -5.53 6.81
N LEU A 209 9.61 -6.24 6.17
CA LEU A 209 8.76 -7.13 6.93
C LEU A 209 9.58 -8.28 7.54
N CYS A 210 10.61 -8.73 6.81
CA CYS A 210 11.48 -9.80 7.27
C CYS A 210 12.54 -9.32 8.26
N ALA A 211 13.24 -8.22 7.92
CA ALA A 211 14.41 -7.78 8.70
C ALA A 211 14.02 -6.87 9.84
N LEU A 212 12.78 -6.37 9.79
CA LEU A 212 12.26 -5.39 10.75
C LEU A 212 13.00 -4.08 10.62
N MET A 213 13.57 -3.86 9.44
CA MET A 213 14.18 -2.59 9.09
C MET A 213 14.26 -2.54 7.56
N PRO A 214 14.29 -1.34 6.97
CA PRO A 214 14.32 -1.21 5.50
C PRO A 214 15.68 -1.61 4.92
N PRO A 215 15.75 -1.90 3.61
CA PRO A 215 17.00 -2.40 3.03
C PRO A 215 18.14 -1.36 2.99
N PHE A 216 17.81 -0.07 2.88
CA PHE A 216 18.82 0.98 2.90
C PHE A 216 18.44 1.97 3.97
N THR A 217 19.35 2.14 4.93
CA THR A 217 19.18 3.07 6.04
C THR A 217 20.30 4.09 5.95
N ALA A 218 20.02 5.31 6.37
CA ALA A 218 21.01 6.38 6.43
C ALA A 218 20.37 7.57 7.13
N PHE A 219 21.17 8.59 7.43
CA PHE A 219 20.67 9.69 8.23
C PHE A 219 20.41 10.95 7.38
N SER A 220 21.15 11.10 6.29
CA SER A 220 20.86 12.12 5.29
C SER A 220 20.35 11.49 3.99
N GLN A 221 19.54 12.24 3.25
CA GLN A 221 19.00 11.78 1.97
C GLN A 221 20.09 11.63 0.90
N LYS A 222 21.17 12.37 1.01
CA LYS A 222 22.21 12.25 -0.01
C LYS A 222 23.04 10.98 0.23
N GLU A 223 23.11 10.53 1.47
CA GLU A 223 23.82 9.28 1.68
C GLU A 223 22.88 8.08 1.61
N LEU A 224 21.58 8.33 1.67
CA LEU A 224 20.62 7.29 1.36
C LEU A 224 20.60 7.06 -0.15
N ALA A 225 20.59 8.16 -0.89
CA ALA A 225 20.66 8.10 -2.34
C ALA A 225 21.90 7.34 -2.79
N GLY A 226 22.99 7.57 -2.09
CA GLY A 226 24.23 6.88 -2.41
C GLY A 226 24.11 5.39 -2.17
N LYS A 227 23.47 4.99 -1.08
CA LYS A 227 23.36 3.57 -0.77
C LYS A 227 22.40 2.91 -1.78
N ILE A 228 21.36 3.64 -2.18
CA ILE A 228 20.40 3.09 -3.12
C ILE A 228 21.03 2.88 -4.49
N ARG A 229 21.82 3.86 -4.93
CA ARG A 229 22.54 3.73 -6.20
C ARG A 229 23.45 2.52 -6.29
N GLU A 230 24.07 2.12 -5.19
CA GLU A 230 25.02 1.01 -5.24
C GLU A 230 24.29 -0.32 -5.23
N GLY A 231 23.03 -0.30 -4.79
CA GLY A 231 22.15 -1.46 -4.86
C GLY A 231 22.47 -2.62 -3.94
N LYS A 232 23.15 -2.36 -2.82
CA LYS A 232 23.64 -3.39 -1.91
C LYS A 232 23.00 -3.36 -0.52
N PHE A 233 22.74 -4.53 0.06
CA PHE A 233 22.05 -4.60 1.35
C PHE A 233 22.27 -5.95 2.00
N ARG A 234 21.93 -6.07 3.27
CA ARG A 234 22.06 -7.34 3.99
C ARG A 234 21.06 -8.38 3.48
N ARG A 235 21.42 -9.66 3.57
CA ARG A 235 20.47 -10.73 3.37
C ARG A 235 19.40 -10.53 4.40
N ILE A 236 18.16 -10.92 4.12
CA ILE A 236 17.15 -10.98 5.18
C ILE A 236 17.62 -12.07 6.16
N PRO A 237 17.12 -12.06 7.40
CA PRO A 237 17.63 -13.03 8.39
C PRO A 237 17.63 -14.50 7.93
N TYR A 238 18.48 -15.31 8.55
CA TYR A 238 18.67 -16.70 8.12
C TYR A 238 17.47 -17.56 8.47
N ARG A 239 16.69 -17.12 9.43
CA ARG A 239 15.34 -17.62 9.68
C ARG A 239 14.54 -17.89 8.39
N TYR A 240 14.75 -17.06 7.37
CA TYR A 240 14.03 -17.14 6.10
C TYR A 240 14.79 -17.90 5.01
N SER A 241 14.04 -18.64 4.20
CA SER A 241 14.56 -19.44 3.10
C SER A 241 15.33 -18.67 2.04
N ASP A 242 16.30 -19.33 1.41
CA ASP A 242 16.99 -18.80 0.24
C ASP A 242 16.02 -18.33 -0.85
N GLU A 243 14.95 -19.10 -1.02
CA GLU A 243 13.93 -18.79 -2.03
C GLU A 243 13.22 -17.46 -1.76
N LEU A 244 12.78 -17.23 -0.53
CA LEU A 244 12.15 -15.97 -0.21
C LEU A 244 13.18 -14.82 -0.33
N ASN A 245 14.42 -15.03 0.15
CA ASN A 245 15.44 -14.00 0.01
C ASN A 245 15.69 -13.66 -1.45
N GLU A 246 15.75 -14.70 -2.27
CA GLU A 246 15.97 -14.55 -3.71
C GLU A 246 14.90 -13.67 -4.38
N ILE A 247 13.63 -13.88 -4.08
CA ILE A 247 12.57 -13.20 -4.83
C ILE A 247 12.49 -11.73 -4.39
N ILE A 248 12.63 -11.49 -3.09
CA ILE A 248 12.70 -10.13 -2.58
C ILE A 248 13.92 -9.35 -3.16
N THR A 249 15.09 -9.96 -3.08
CA THR A 249 16.31 -9.41 -3.68
C THR A 249 16.09 -9.11 -5.16
N ARG A 250 15.33 -9.96 -5.85
CA ARG A 250 15.05 -9.75 -7.27
C ARG A 250 14.20 -8.49 -7.53
N MET A 251 13.30 -8.14 -6.61
CA MET A 251 12.50 -6.92 -6.75
C MET A 251 13.36 -5.68 -6.52
N LEU A 252 14.51 -5.86 -5.90
CA LEU A 252 15.40 -4.76 -5.57
C LEU A 252 16.51 -4.64 -6.60
N ASN A 253 16.30 -5.22 -7.78
CA ASN A 253 17.27 -5.03 -8.85
C ASN A 253 17.34 -3.55 -9.22
N LEU A 254 18.53 -3.04 -9.47
CA LEU A 254 18.70 -1.65 -9.89
C LEU A 254 18.05 -1.39 -11.26
N LYS A 255 18.19 -2.33 -12.18
CA LYS A 255 17.54 -2.23 -13.48
C LYS A 255 16.10 -2.67 -13.35
N ASP A 256 15.17 -1.80 -13.71
CA ASP A 256 13.76 -2.12 -13.56
C ASP A 256 13.37 -3.32 -14.45
N TYR A 257 14.03 -3.51 -15.58
CA TYR A 257 13.72 -4.65 -16.45
C TYR A 257 14.28 -5.97 -15.90
N HIS A 258 14.97 -5.90 -14.77
CA HIS A 258 15.45 -7.10 -14.09
C HIS A 258 14.57 -7.47 -12.90
N ARG A 259 13.58 -6.63 -12.62
CA ARG A 259 12.62 -6.95 -11.58
C ARG A 259 11.52 -7.82 -12.15
N PRO A 260 11.02 -8.76 -11.35
CA PRO A 260 9.91 -9.59 -11.79
C PRO A 260 8.64 -8.77 -11.99
N SER A 261 7.82 -9.10 -12.99
CA SER A 261 6.44 -8.60 -13.05
C SER A 261 5.56 -9.30 -12.02
N VAL A 262 4.33 -8.82 -11.83
CA VAL A 262 3.44 -9.47 -10.86
C VAL A 262 3.20 -10.93 -11.24
N GLU A 263 3.21 -11.25 -12.53
CA GLU A 263 2.98 -12.63 -12.96
C GLU A 263 4.15 -13.51 -12.56
N GLU A 264 5.37 -13.01 -12.79
CA GLU A 264 6.55 -13.80 -12.48
C GLU A 264 6.60 -14.10 -10.98
N ILE A 265 6.22 -13.13 -10.17
CA ILE A 265 6.19 -13.29 -8.73
C ILE A 265 5.27 -14.46 -8.36
N LEU A 266 4.05 -14.46 -8.90
CA LEU A 266 3.05 -15.45 -8.58
C LEU A 266 3.40 -16.86 -9.10
N GLU A 267 4.20 -16.94 -10.17
CA GLU A 267 4.78 -18.22 -10.61
C GLU A 267 5.72 -18.87 -9.58
N ASN A 268 6.17 -18.12 -8.56
CA ASN A 268 7.21 -18.65 -7.64
C ASN A 268 6.73 -19.89 -6.91
N PRO A 269 7.59 -20.92 -6.85
CA PRO A 269 7.26 -22.17 -6.17
C PRO A 269 6.81 -21.95 -4.74
N LEU A 270 7.29 -20.89 -4.09
CA LEU A 270 6.91 -20.62 -2.70
C LEU A 270 5.40 -20.37 -2.54
N ILE A 271 4.78 -19.79 -3.57
CA ILE A 271 3.42 -19.31 -3.46
C ILE A 271 2.39 -20.40 -3.73
N LEU A 272 1.62 -20.72 -2.69
CA LEU A 272 0.69 -21.83 -2.71
C LEU A 272 -0.75 -21.33 -2.51
N GLU A 273 -1.72 -22.23 -2.69
CA GLU A 273 -3.11 -21.86 -2.61
C GLU A 273 -3.51 -21.25 -1.28
N HIS A 274 -3.04 -21.83 -0.18
CA HIS A 274 -3.46 -21.35 1.13
C HIS A 274 -2.93 -19.96 1.41
N HIS A 275 -1.97 -19.51 0.61
CA HIS A 275 -1.43 -18.17 0.82
C HIS A 275 -2.39 -17.09 0.36
N HIS A 276 -3.37 -17.43 -0.48
CA HIS A 276 -4.28 -16.43 -1.07
C HIS A 276 -5.35 -15.91 -0.13
N HIS A 277 -5.65 -16.64 0.95
CA HIS A 277 -6.70 -16.16 1.86
C HIS A 277 -6.57 -16.62 3.33
N HIS A 278 -6.99 -15.73 4.25
CA HIS A 278 -7.10 -15.89 5.71
C HIS A 278 -5.88 -16.44 6.48
N HIS A 279 -5.92 -16.30 7.81
CA HIS A 279 -4.77 -16.57 8.68
C HIS A 279 -4.58 -18.05 8.92
C2 4SP B . -7.98 1.51 8.88
C8 4SP B . -9.19 2.54 4.64
C10 4SP B . -6.03 5.11 8.59
C11 4SP B . -4.71 5.70 8.16
C12 4SP B . -4.60 5.60 6.64
C13 4SP B . -3.28 6.23 6.11
C14 4SP B . -3.13 7.67 6.61
C15 4SP B . -3.33 7.83 8.14
C16 4SP B . -4.64 7.18 8.63
C19 4SP B . -6.22 0.41 13.44
C20 4SP B . -5.01 1.07 13.14
C21 4SP B . -4.76 1.59 11.88
C22 4SP B . -5.73 1.46 10.93
N26 4SP B . -2.83 2.58 14.02
N1 4SP B . -7.24 2.65 8.77
C6 4SP B . -7.27 3.33 7.63
O6 4SP B . -6.54 4.47 7.44
C5 4SP B . -8.09 2.89 6.52
N7 4SP B . -8.36 3.35 5.19
N9 4SP B . -9.49 1.53 5.56
C4 4SP B . -8.82 1.75 6.70
N3 4SP B . -8.74 1.08 7.90
N2 4SP B . -7.99 0.70 10.13
C17 4SP B . -6.94 0.82 11.20
C18 4SP B . -7.18 0.28 12.48
S23 4SP B . -3.74 1.23 14.33
O24 4SP B . -2.92 0.06 14.31
O25 4SP B . -4.30 1.22 15.65
#